data_3Q2T
#
_entry.id   3Q2T
#
_cell.length_a   138.406
_cell.length_b   138.406
_cell.length_c   138.406
_cell.angle_alpha   90.000
_cell.angle_beta   90.000
_cell.angle_gamma   90.000
#
_symmetry.space_group_name_H-M   'P 21 3'
#
loop_
_entity.id
_entity.type
_entity.pdbx_description
1 polymer 'Cleavage and polyadenylation specificity factor subunit 5'
2 polymer 'Cleavage and polyadenylation specificity factor subunit 6'
3 polymer RNA
4 water water
#
loop_
_entity_poly.entity_id
_entity_poly.type
_entity_poly.pdbx_seq_one_letter_code
_entity_poly.pdbx_strand_id
1 'polypeptide(L)'
;GNKYIQQTKPLTLERTINLYPLTNYTFGTKEPLYEKDSSVAARFQRMREEFDKIGMRRTVEGVLIVHEHRLPHVLLLQLG
TTFFKLPGGELNPGEDEVEGLKRLMTEILGRQDGVLQDWVIDDCIGNWWRPNFEPPQYPYIPAHITKPKEHKKLFLVQLQ
EKALFAVPKNYKLVAAPLFELYDNAPGYGPIISSLPQLLSRFNFIYN
;
A,B
2 'polypeptide(L)'
;DVGEEFNQEAEYGGHDQIDLYDDVISPSANNGDAPEDRDYMDTLPPTVGDDVGKGAAPNVVYTYTGKRIALYIGNLTWWT
TDEDLTEAVHSLGVNDILEIKFFENRANGQSKGFALVGVGSEASSKKLMDLLPKRELHGQNPVVTPVNKQFLSQFEMQSR
KTTQSGQMSGEGKAGPPGGSSRAAFPQGGRGRGRFPGAVPGGDRFPGPAGPGGPPPPFPAGQTHHHHHH
;
C,D
3 'polyribonucleotide' UUGUA E,F
#
# COMPACT_ATOMS: atom_id res chain seq x y z
N GLY A 1 -41.55 -13.17 -7.43
CA GLY A 1 -40.24 -13.70 -7.71
C GLY A 1 -39.43 -13.92 -6.44
N ASN A 2 -38.45 -14.83 -6.49
CA ASN A 2 -37.71 -15.20 -5.29
C ASN A 2 -36.20 -15.00 -5.38
N LYS A 3 -35.64 -14.40 -4.33
CA LYS A 3 -34.23 -14.02 -4.34
C LYS A 3 -33.24 -15.15 -4.60
N TYR A 4 -32.34 -14.89 -5.53
CA TYR A 4 -31.23 -15.79 -5.81
C TYR A 4 -30.09 -15.50 -4.85
N ILE A 5 -29.42 -16.56 -4.44
CA ILE A 5 -28.37 -16.46 -3.45
C ILE A 5 -27.03 -16.29 -4.13
N GLN A 6 -26.48 -15.08 -4.05
CA GLN A 6 -25.14 -14.85 -4.56
C GLN A 6 -24.22 -15.77 -3.78
N GLN A 7 -23.59 -16.70 -4.49
CA GLN A 7 -22.71 -17.66 -3.86
C GLN A 7 -21.46 -16.96 -3.34
N THR A 8 -20.74 -17.62 -2.45
CA THR A 8 -19.49 -17.06 -1.98
C THR A 8 -18.53 -17.12 -3.14
N LYS A 9 -17.55 -16.22 -3.12
CA LYS A 9 -16.55 -16.17 -4.16
C LYS A 9 -15.29 -16.88 -3.72
N PRO A 10 -14.44 -17.24 -4.69
CA PRO A 10 -13.09 -17.70 -4.36
C PRO A 10 -12.48 -16.68 -3.44
N LEU A 11 -11.90 -17.14 -2.33
CA LEU A 11 -11.42 -16.21 -1.32
C LEU A 11 -10.42 -15.26 -1.91
N THR A 12 -9.59 -15.75 -2.84
CA THR A 12 -8.54 -14.95 -3.44
C THR A 12 -9.14 -13.79 -4.19
N LEU A 13 -10.38 -13.98 -4.63
CA LEU A 13 -11.02 -13.02 -5.51
C LEU A 13 -11.88 -12.02 -4.73
N GLU A 14 -12.52 -12.51 -3.67
CA GLU A 14 -13.22 -11.66 -2.73
C GLU A 14 -13.08 -12.18 -1.31
N ARG A 15 -12.51 -11.35 -0.46
CA ARG A 15 -12.38 -11.67 0.95
C ARG A 15 -13.35 -10.80 1.73
N THR A 16 -14.38 -11.40 2.32
CA THR A 16 -15.25 -10.61 3.18
C THR A 16 -14.78 -10.72 4.62
N ILE A 17 -14.79 -9.58 5.33
CA ILE A 17 -14.30 -9.49 6.70
C ILE A 17 -15.24 -8.72 7.63
N ASN A 18 -15.41 -9.24 8.84
CA ASN A 18 -16.36 -8.67 9.80
C ASN A 18 -15.77 -7.73 10.83
N LEU A 19 -16.31 -6.51 10.86
CA LEU A 19 -15.85 -5.48 11.76
C LEU A 19 -16.95 -5.11 12.75
N TYR A 20 -16.58 -5.01 14.01
CA TYR A 20 -17.51 -4.64 15.06
C TYR A 20 -17.12 -3.33 15.73
N PRO A 21 -18.08 -2.68 16.39
CA PRO A 21 -17.81 -1.37 16.97
C PRO A 21 -16.73 -1.44 18.04
N LEU A 22 -15.93 -0.39 18.14
CA LEU A 22 -14.86 -0.33 19.12
C LEU A 22 -15.43 -0.64 20.50
N THR A 23 -16.68 -0.27 20.71
CA THR A 23 -17.33 -0.47 21.99
C THR A 23 -17.37 -1.94 22.38
N ASN A 24 -17.62 -2.82 21.41
CA ASN A 24 -17.68 -4.25 21.69
C ASN A 24 -16.42 -4.76 22.39
N TYR A 25 -15.38 -3.94 22.39
CA TYR A 25 -14.12 -4.40 22.90
C TYR A 25 -13.73 -3.60 24.13
N THR A 26 -13.40 -4.32 25.22
CA THR A 26 -13.05 -3.68 26.49
C THR A 26 -11.57 -3.87 26.78
N PHE A 27 -10.94 -2.87 27.38
CA PHE A 27 -9.50 -2.88 27.54
C PHE A 27 -9.01 -2.48 28.93
N GLY A 28 -8.53 -3.46 29.69
CA GLY A 28 -7.95 -3.23 31.00
C GLY A 28 -6.44 -3.16 30.94
N THR A 29 -5.80 -2.90 32.08
CA THR A 29 -4.34 -2.73 32.14
C THR A 29 -3.62 -4.01 32.55
N LYS A 30 -2.30 -3.95 32.55
CA LYS A 30 -1.46 -5.03 33.06
C LYS A 30 -0.05 -4.49 33.25
N GLU A 31 0.70 -5.11 34.15
CA GLU A 31 2.11 -4.78 34.34
C GLU A 31 2.76 -4.40 33.02
N PRO A 32 3.54 -3.30 33.00
CA PRO A 32 4.12 -2.75 31.76
C PRO A 32 5.15 -3.68 31.13
N LEU A 33 5.33 -3.56 29.81
CA LEU A 33 6.27 -4.44 29.10
C LEU A 33 7.34 -3.66 28.35
N TYR A 34 8.42 -3.35 29.04
CA TYR A 34 9.53 -2.62 28.43
C TYR A 34 10.15 -3.49 27.33
N GLU A 35 10.48 -2.87 26.20
CA GLU A 35 10.99 -3.61 25.07
C GLU A 35 12.30 -4.31 25.41
N LYS A 36 12.67 -5.28 24.58
CA LYS A 36 13.90 -6.04 24.78
C LYS A 36 15.14 -5.16 24.56
N ASP A 37 15.15 -4.43 23.46
CA ASP A 37 16.20 -3.46 23.21
C ASP A 37 15.80 -2.14 23.84
N SER A 38 16.58 -1.09 23.58
CA SER A 38 16.28 0.22 24.15
C SER A 38 16.45 1.35 23.15
N SER A 39 17.68 1.85 23.05
CA SER A 39 17.98 2.95 22.16
C SER A 39 17.88 2.51 20.70
N VAL A 40 18.01 3.48 19.81
CA VAL A 40 17.92 3.19 18.38
C VAL A 40 19.12 2.35 17.97
N ALA A 41 20.31 2.87 18.27
CA ALA A 41 21.54 2.16 17.96
C ALA A 41 21.61 0.87 18.77
N ALA A 42 20.92 0.85 19.91
CA ALA A 42 20.92 -0.30 20.79
C ALA A 42 20.41 -1.57 20.10
N ARG A 43 19.27 -1.46 19.41
CA ARG A 43 18.64 -2.63 18.81
C ARG A 43 19.35 -3.13 17.55
N PHE A 44 19.97 -2.23 16.81
CA PHE A 44 20.73 -2.62 15.63
C PHE A 44 21.94 -3.46 16.04
N GLN A 45 22.63 -3.04 17.10
CA GLN A 45 23.76 -3.81 17.60
C GLN A 45 23.31 -5.22 17.91
N ARG A 46 22.25 -5.33 18.71
CA ARG A 46 21.69 -6.63 19.03
C ARG A 46 21.43 -7.41 17.76
N MET A 47 20.91 -6.72 16.75
CA MET A 47 20.59 -7.37 15.49
C MET A 47 21.86 -7.99 14.92
N ARG A 48 22.87 -7.16 14.69
CA ARG A 48 24.13 -7.66 14.13
C ARG A 48 24.56 -8.95 14.82
N GLU A 49 24.65 -8.88 16.14
CA GLU A 49 25.05 -10.04 16.94
C GLU A 49 24.21 -11.24 16.55
N GLU A 50 22.90 -11.12 16.78
CA GLU A 50 21.97 -12.24 16.58
C GLU A 50 22.04 -12.81 15.16
N PHE A 51 22.02 -11.94 14.16
CA PHE A 51 22.09 -12.37 12.77
C PHE A 51 23.22 -13.36 12.53
N ASP A 52 24.27 -13.26 13.34
CA ASP A 52 25.44 -14.11 13.18
C ASP A 52 25.26 -15.48 13.84
N LYS A 53 24.49 -15.53 14.93
CA LYS A 53 24.17 -16.82 15.55
C LYS A 53 22.96 -17.47 14.91
N ILE A 54 21.87 -16.71 14.83
CA ILE A 54 20.62 -17.21 14.28
C ILE A 54 20.49 -16.91 12.79
N GLY A 55 20.57 -15.64 12.43
CA GLY A 55 20.41 -15.24 11.04
C GLY A 55 19.32 -14.20 10.90
N MET A 56 18.79 -14.06 9.69
CA MET A 56 17.78 -13.06 9.40
C MET A 56 16.71 -13.01 10.47
N ARG A 57 16.32 -11.79 10.83
CA ARG A 57 15.29 -11.60 11.82
C ARG A 57 13.92 -11.88 11.20
N ARG A 58 13.09 -12.62 11.92
CA ARG A 58 11.74 -12.85 11.44
C ARG A 58 10.73 -12.17 12.35
N THR A 59 10.11 -11.10 11.85
CA THR A 59 9.16 -10.33 12.64
C THR A 59 7.77 -10.53 12.07
N VAL A 60 6.78 -10.66 12.95
CA VAL A 60 5.39 -10.75 12.53
C VAL A 60 4.53 -9.77 13.30
N GLU A 61 3.63 -9.11 12.59
CA GLU A 61 2.75 -8.12 13.21
C GLU A 61 1.29 -8.37 12.85
N GLY A 62 0.41 -8.10 13.81
CA GLY A 62 -1.00 -8.34 13.63
C GLY A 62 -1.79 -7.05 13.51
N VAL A 63 -2.66 -7.00 12.51
CA VAL A 63 -3.42 -5.79 12.23
C VAL A 63 -4.88 -5.95 12.65
N LEU A 64 -5.19 -5.57 13.88
CA LEU A 64 -6.52 -5.78 14.42
C LEU A 64 -7.43 -4.65 14.01
N ILE A 65 -8.50 -4.99 13.32
CA ILE A 65 -9.40 -3.96 12.84
C ILE A 65 -10.75 -3.95 13.54
N VAL A 66 -11.15 -2.75 13.92
CA VAL A 66 -12.50 -2.46 14.36
C VAL A 66 -12.97 -1.34 13.46
N HIS A 67 -14.12 -0.78 13.75
CA HIS A 67 -14.62 0.32 12.94
C HIS A 67 -15.51 1.27 13.71
N GLU A 68 -15.64 2.47 13.19
CA GLU A 68 -16.49 3.47 13.79
C GLU A 68 -17.01 4.37 12.70
N HIS A 69 -18.31 4.60 12.70
CA HIS A 69 -18.91 5.46 11.69
C HIS A 69 -18.73 4.88 10.31
N ARG A 70 -18.82 3.54 10.20
CA ARG A 70 -18.63 2.84 8.93
C ARG A 70 -17.26 3.18 8.32
N LEU A 71 -16.22 2.98 9.12
CA LEU A 71 -14.89 3.37 8.74
C LEU A 71 -13.87 2.66 9.63
N PRO A 72 -13.09 1.77 9.04
CA PRO A 72 -12.15 0.86 9.71
C PRO A 72 -11.09 1.58 10.51
N HIS A 73 -10.76 1.05 11.67
CA HIS A 73 -9.73 1.66 12.50
C HIS A 73 -8.77 0.58 12.88
N VAL A 74 -7.48 0.87 12.81
CA VAL A 74 -6.49 -0.12 13.16
C VAL A 74 -5.97 0.14 14.55
N LEU A 75 -6.03 -0.86 15.41
CA LEU A 75 -5.49 -0.75 16.74
C LEU A 75 -3.97 -0.64 16.71
N LEU A 76 -3.47 0.53 17.13
CA LEU A 76 -2.04 0.76 17.20
C LEU A 76 -1.60 0.97 18.63
N LEU A 77 -0.67 0.14 19.07
CA LEU A 77 0.03 0.40 20.31
C LEU A 77 0.71 1.75 20.19
N GLN A 78 0.95 2.39 21.33
CA GLN A 78 1.63 3.68 21.33
C GLN A 78 2.46 3.92 22.57
N LEU A 79 3.78 3.93 22.39
CA LEU A 79 4.68 4.36 23.44
C LEU A 79 4.83 5.86 23.41
N GLY A 80 4.94 6.45 24.59
CA GLY A 80 5.13 7.88 24.70
C GLY A 80 4.08 8.68 23.95
N THR A 81 4.54 9.64 23.15
CA THR A 81 3.65 10.61 22.51
C THR A 81 3.56 10.48 20.99
N THR A 82 4.56 9.83 20.38
CA THR A 82 4.65 9.84 18.93
C THR A 82 5.24 8.56 18.34
N PHE A 83 5.23 7.48 19.10
CA PHE A 83 5.65 6.20 18.53
C PHE A 83 4.54 5.16 18.56
N PHE A 84 4.29 4.57 17.39
CA PHE A 84 3.27 3.54 17.25
C PHE A 84 3.88 2.28 16.69
N LYS A 85 3.35 1.15 17.12
CA LYS A 85 3.75 -0.11 16.54
C LYS A 85 2.52 -0.97 16.45
N LEU A 86 2.58 -1.98 15.60
CA LEU A 86 1.53 -2.97 15.57
C LEU A 86 1.87 -4.03 16.59
N PRO A 87 0.85 -4.54 17.29
CA PRO A 87 1.07 -5.66 18.20
C PRO A 87 1.74 -6.76 17.41
N GLY A 88 2.88 -7.23 17.89
CA GLY A 88 3.65 -8.27 17.23
C GLY A 88 5.09 -8.25 17.71
N GLY A 89 5.95 -9.00 17.05
CA GLY A 89 7.35 -9.03 17.46
C GLY A 89 8.21 -10.08 16.77
N GLU A 90 9.26 -10.50 17.48
CA GLU A 90 10.26 -11.40 16.92
C GLU A 90 9.87 -12.84 17.13
N LEU A 91 10.00 -13.64 16.08
CA LEU A 91 9.79 -15.07 16.20
C LEU A 91 11.02 -15.76 16.77
N ASN A 92 10.77 -16.82 17.54
CA ASN A 92 11.83 -17.73 17.96
C ASN A 92 12.13 -18.68 16.81
N PRO A 93 13.42 -18.93 16.55
CA PRO A 93 13.88 -19.75 15.44
C PRO A 93 13.09 -21.05 15.25
N GLY A 94 12.63 -21.27 14.02
CA GLY A 94 11.88 -22.48 13.69
C GLY A 94 10.39 -22.33 13.89
N GLU A 95 9.99 -21.31 14.63
CA GLU A 95 8.59 -21.08 14.98
C GLU A 95 7.71 -20.93 13.76
N ASP A 96 6.55 -21.57 13.79
CA ASP A 96 5.58 -21.38 12.73
C ASP A 96 5.07 -19.94 12.77
N GLU A 97 5.27 -19.22 11.68
CA GLU A 97 4.85 -17.82 11.62
C GLU A 97 3.61 -17.56 12.46
N VAL A 98 2.48 -18.18 12.10
CA VAL A 98 1.23 -17.86 12.78
C VAL A 98 1.29 -18.17 14.28
N GLU A 99 1.73 -19.38 14.63
CA GLU A 99 1.85 -19.77 16.03
C GLU A 99 2.59 -18.70 16.82
N GLY A 100 3.58 -18.09 16.17
CA GLY A 100 4.42 -17.07 16.79
C GLY A 100 3.70 -15.76 17.01
N LEU A 101 2.87 -15.37 16.05
CA LEU A 101 2.07 -14.16 16.23
C LEU A 101 1.09 -14.40 17.37
N LYS A 102 0.45 -15.56 17.37
CA LYS A 102 -0.47 -15.92 18.44
C LYS A 102 0.21 -15.79 19.80
N ARG A 103 1.38 -16.40 19.94
CA ARG A 103 2.15 -16.31 21.16
C ARG A 103 2.44 -14.85 21.54
N LEU A 104 2.78 -14.05 20.53
CA LEU A 104 3.13 -12.66 20.74
C LEU A 104 1.92 -11.81 21.10
N MET A 105 0.84 -11.98 20.35
CA MET A 105 -0.37 -11.23 20.61
C MET A 105 -0.80 -11.47 22.04
N THR A 106 -0.90 -12.75 22.40
CA THR A 106 -1.27 -13.15 23.75
C THR A 106 -0.32 -12.48 24.73
N GLU A 107 0.96 -12.56 24.45
CA GLU A 107 1.98 -11.92 25.28
C GLU A 107 1.69 -10.42 25.45
N ILE A 108 1.16 -9.79 24.40
CA ILE A 108 1.10 -8.32 24.35
C ILE A 108 -0.28 -7.72 24.63
N LEU A 109 -1.33 -8.54 24.58
CA LEU A 109 -2.69 -8.05 24.79
C LEU A 109 -3.54 -9.07 25.53
N GLY A 110 -2.93 -10.18 25.90
CA GLY A 110 -3.66 -11.28 26.50
C GLY A 110 -4.54 -10.86 27.66
N ARG A 111 -5.69 -11.51 27.77
CA ARG A 111 -6.57 -11.34 28.91
C ARG A 111 -6.12 -12.27 30.04
N GLN A 112 -5.95 -11.72 31.25
CA GLN A 112 -5.54 -12.49 32.42
C GLN A 112 -6.07 -13.92 32.40
N ASP A 113 -7.38 -14.05 32.20
CA ASP A 113 -8.07 -15.34 32.20
C ASP A 113 -8.08 -15.99 30.82
N LEU A 116 -6.63 -17.17 28.04
CA LEU A 116 -6.94 -18.42 27.37
C LEU A 116 -7.76 -18.18 26.09
N GLN A 117 -7.68 -16.94 25.59
CA GLN A 117 -8.38 -16.54 24.38
C GLN A 117 -7.79 -17.20 23.14
N ASP A 118 -8.40 -16.90 21.99
CA ASP A 118 -7.92 -17.44 20.73
C ASP A 118 -8.02 -16.39 19.62
N TRP A 119 -6.98 -16.33 18.79
CA TRP A 119 -6.91 -15.39 17.68
C TRP A 119 -7.21 -16.06 16.35
N VAL A 120 -7.85 -15.33 15.44
CA VAL A 120 -8.09 -15.81 14.08
C VAL A 120 -7.15 -15.11 13.10
N ILE A 121 -6.15 -15.85 12.63
CA ILE A 121 -5.19 -15.33 11.68
C ILE A 121 -5.17 -16.22 10.44
N ASP A 122 -5.75 -15.78 9.34
CA ASP A 122 -5.66 -16.56 8.12
CA ASP A 122 -5.73 -16.56 8.11
C ASP A 122 -5.46 -15.68 6.89
N ASP A 123 -4.91 -14.50 7.11
CA ASP A 123 -4.60 -13.58 6.02
C ASP A 123 -3.27 -12.88 6.21
N CYS A 124 -2.36 -13.14 5.28
CA CYS A 124 -1.13 -12.37 5.18
C CYS A 124 -1.42 -11.19 4.28
N ILE A 125 -1.12 -9.98 4.75
CA ILE A 125 -1.53 -8.79 4.00
C ILE A 125 -0.34 -7.98 3.50
N GLY A 126 0.87 -8.37 3.90
CA GLY A 126 2.07 -7.69 3.45
C GLY A 126 3.40 -8.27 3.92
N ASN A 127 4.45 -7.96 3.16
CA ASN A 127 5.82 -8.36 3.46
C ASN A 127 6.77 -7.19 3.27
N TRP A 128 7.64 -6.97 4.25
CA TRP A 128 8.62 -5.87 4.20
C TRP A 128 10.00 -6.37 4.54
N TRP A 129 11.01 -5.92 3.79
CA TRP A 129 12.39 -6.38 3.99
C TRP A 129 13.35 -5.26 4.30
N ARG A 130 14.28 -5.52 5.23
CA ARG A 130 15.35 -4.58 5.54
C ARG A 130 16.63 -5.11 4.90
N PRO A 131 17.11 -4.42 3.86
CA PRO A 131 18.24 -4.89 3.04
C PRO A 131 19.55 -4.91 3.81
N ASN A 132 19.80 -3.82 4.54
CA ASN A 132 20.99 -3.67 5.36
CA ASN A 132 20.99 -3.71 5.36
C ASN A 132 20.62 -3.46 6.82
N PHE A 133 21.61 -3.07 7.63
CA PHE A 133 21.38 -2.93 9.06
C PHE A 133 20.95 -1.53 9.48
N GLU A 134 20.12 -0.86 8.67
CA GLU A 134 19.57 0.43 9.06
C GLU A 134 18.06 0.51 8.84
N PRO A 135 17.44 1.60 9.31
CA PRO A 135 16.00 1.84 9.18
C PRO A 135 15.38 1.42 7.85
N PRO A 136 16.03 1.76 6.71
CA PRO A 136 15.38 1.46 5.42
C PRO A 136 14.72 0.06 5.36
N GLN A 137 13.43 0.07 5.02
CA GLN A 137 12.65 -1.14 4.77
C GLN A 137 11.86 -0.93 3.48
N TYR A 138 11.75 -1.97 2.67
CA TYR A 138 11.03 -1.88 1.40
C TYR A 138 10.12 -3.10 1.24
N PRO A 139 9.01 -2.94 0.52
CA PRO A 139 8.04 -4.04 0.41
C PRO A 139 8.53 -5.10 -0.55
N TYR A 140 9.85 -5.15 -0.75
CA TYR A 140 10.44 -6.05 -1.73
C TYR A 140 11.93 -6.14 -1.53
N ILE A 141 12.52 -7.24 -1.99
CA ILE A 141 13.96 -7.44 -1.87
C ILE A 141 14.71 -7.00 -3.12
N PRO A 142 15.56 -5.97 -2.96
CA PRO A 142 16.28 -5.37 -4.08
C PRO A 142 17.17 -6.39 -4.76
N ALA A 143 17.46 -6.16 -6.04
CA ALA A 143 18.23 -7.09 -6.85
C ALA A 143 19.58 -7.44 -6.24
N HIS A 144 20.28 -6.42 -5.75
CA HIS A 144 21.61 -6.62 -5.23
C HIS A 144 21.64 -7.38 -3.91
N ILE A 145 20.57 -7.29 -3.13
CA ILE A 145 20.53 -7.97 -1.83
C ILE A 145 20.23 -9.48 -1.91
N THR A 146 21.12 -10.26 -1.29
CA THR A 146 21.01 -11.72 -1.29
C THR A 146 20.76 -12.22 0.11
N LYS A 147 21.08 -11.38 1.10
CA LYS A 147 20.83 -11.71 2.50
C LYS A 147 20.28 -10.50 3.24
N PRO A 148 18.93 -10.39 3.29
CA PRO A 148 18.25 -9.31 4.02
C PRO A 148 18.51 -9.46 5.51
N LYS A 149 18.47 -8.35 6.22
CA LYS A 149 18.84 -8.37 7.62
C LYS A 149 17.63 -8.69 8.48
N GLU A 150 16.45 -8.42 7.95
CA GLU A 150 15.23 -8.63 8.69
C GLU A 150 14.04 -8.71 7.74
N HIS A 151 13.12 -9.62 8.04
CA HIS A 151 11.91 -9.80 7.23
C HIS A 151 10.68 -9.67 8.12
N LYS A 152 9.73 -8.83 7.69
CA LYS A 152 8.51 -8.57 8.44
C LYS A 152 7.28 -9.08 7.68
N LYS A 153 6.50 -9.96 8.30
CA LYS A 153 5.28 -10.44 7.66
C LYS A 153 4.05 -9.91 8.40
N LEU A 154 3.05 -9.46 7.65
CA LEU A 154 1.87 -8.84 8.22
C LEU A 154 0.60 -9.66 8.05
N PHE A 155 -0.15 -9.77 9.14
CA PHE A 155 -1.34 -10.59 9.16
C PHE A 155 -2.53 -9.82 9.66
N LEU A 156 -3.52 -9.69 8.80
CA LEU A 156 -4.81 -9.19 9.26
C LEU A 156 -5.25 -10.12 10.39
N VAL A 157 -5.74 -9.54 11.48
CA VAL A 157 -6.26 -10.34 12.58
C VAL A 157 -7.73 -10.03 12.85
N GLN A 158 -8.58 -10.99 12.53
CA GLN A 158 -10.03 -10.83 12.66
C GLN A 158 -10.43 -10.80 14.12
N LEU A 159 -11.41 -9.97 14.44
CA LEU A 159 -11.93 -9.93 15.79
C LEU A 159 -13.30 -10.58 15.83
N GLN A 160 -13.72 -11.01 17.02
CA GLN A 160 -15.04 -11.57 17.19
C GLN A 160 -15.99 -10.44 17.56
N GLU A 161 -17.29 -10.73 17.59
CA GLU A 161 -18.31 -9.73 17.88
C GLU A 161 -17.92 -8.92 19.12
N LYS A 162 -17.27 -9.58 20.07
CA LYS A 162 -16.78 -8.88 21.25
C LYS A 162 -15.70 -9.68 21.94
N ALA A 163 -14.82 -8.98 22.64
CA ALA A 163 -13.71 -9.59 23.35
C ALA A 163 -13.00 -8.56 24.22
N LEU A 164 -12.29 -9.03 25.24
CA LEU A 164 -11.61 -8.15 26.18
C LEU A 164 -10.11 -8.31 26.05
N PHE A 165 -9.39 -7.20 26.16
CA PHE A 165 -7.94 -7.21 26.05
C PHE A 165 -7.27 -6.48 27.21
N ALA A 166 -5.98 -6.73 27.38
CA ALA A 166 -5.19 -6.10 28.41
C ALA A 166 -4.00 -5.39 27.80
N VAL A 167 -3.59 -4.30 28.42
CA VAL A 167 -2.54 -3.46 27.87
C VAL A 167 -1.50 -3.13 28.92
N PRO A 168 -0.23 -3.26 28.55
CA PRO A 168 0.91 -2.84 29.39
C PRO A 168 0.68 -1.44 29.92
N LYS A 169 1.03 -1.19 31.18
CA LYS A 169 0.76 0.11 31.80
C LYS A 169 1.55 1.24 31.13
N ASN A 170 2.57 0.87 30.38
CA ASN A 170 3.40 1.84 29.65
C ASN A 170 2.82 2.23 28.28
N TYR A 171 2.21 1.25 27.61
CA TYR A 171 1.62 1.49 26.30
C TYR A 171 0.20 2.08 26.39
N LYS A 172 -0.11 3.00 25.48
CA LYS A 172 -1.48 3.45 25.29
C LYS A 172 -2.00 2.80 24.01
N LEU A 173 -3.29 2.51 23.95
CA LEU A 173 -3.85 1.86 22.77
C LEU A 173 -4.83 2.74 22.00
N VAL A 174 -4.46 3.09 20.77
CA VAL A 174 -5.26 3.96 19.95
C VAL A 174 -5.85 3.22 18.76
N ALA A 175 -7.00 3.72 18.29
CA ALA A 175 -7.64 3.17 17.12
C ALA A 175 -7.47 4.16 15.99
N ALA A 176 -6.44 3.95 15.18
CA ALA A 176 -6.19 4.82 14.04
C ALA A 176 -7.18 4.58 12.91
N PRO A 177 -7.93 5.61 12.52
CA PRO A 177 -8.77 5.52 11.34
C PRO A 177 -7.90 5.69 10.11
N LEU A 178 -8.36 5.17 8.98
CA LEU A 178 -7.49 5.07 7.81
C LEU A 178 -7.00 6.43 7.31
N PHE A 179 -7.92 7.36 7.05
CA PHE A 179 -7.55 8.67 6.52
C PHE A 179 -6.61 9.39 7.49
N GLU A 180 -6.49 8.83 8.68
CA GLU A 180 -5.51 9.34 9.63
C GLU A 180 -4.13 8.84 9.29
N LEU A 181 -4.06 7.72 8.56
CA LEU A 181 -2.79 7.04 8.26
C LEU A 181 -2.32 7.23 6.83
N TYR A 182 -3.27 7.47 5.94
CA TYR A 182 -3.02 7.50 4.50
C TYR A 182 -2.16 8.68 4.05
N ASP A 183 -1.18 8.38 3.19
CA ASP A 183 -0.18 9.38 2.78
C ASP A 183 0.29 10.14 4.00
N ASN A 184 0.45 9.41 5.10
CA ASN A 184 0.95 9.99 6.34
C ASN A 184 2.21 9.25 6.81
N ALA A 185 3.09 8.97 5.85
CA ALA A 185 4.36 8.34 6.15
C ALA A 185 5.13 9.05 7.26
N PRO A 186 5.20 10.40 7.23
CA PRO A 186 5.88 11.14 8.29
C PRO A 186 5.28 10.87 9.66
N GLY A 187 3.96 10.70 9.69
CA GLY A 187 3.25 10.46 10.93
C GLY A 187 3.48 9.08 11.51
N TYR A 188 3.40 8.04 10.68
CA TYR A 188 3.38 6.68 11.22
C TYR A 188 4.40 5.73 10.58
N GLY A 189 5.19 6.25 9.64
CA GLY A 189 6.14 5.42 8.93
C GLY A 189 5.56 4.95 7.61
N PRO A 190 6.30 4.12 6.87
CA PRO A 190 5.85 3.59 5.58
C PRO A 190 4.81 2.49 5.77
N ILE A 191 5.22 1.43 6.46
CA ILE A 191 4.34 0.30 6.69
C ILE A 191 3.01 0.80 7.19
N ILE A 192 2.93 1.12 8.47
CA ILE A 192 1.66 1.47 9.07
C ILE A 192 0.86 2.40 8.15
N SER A 193 1.55 3.34 7.51
CA SER A 193 0.83 4.36 6.77
C SER A 193 0.32 3.87 5.43
N SER A 194 0.66 2.65 5.05
CA SER A 194 0.20 2.13 3.77
C SER A 194 -0.85 1.07 3.98
N LEU A 195 -1.24 0.87 5.23
CA LEU A 195 -2.27 -0.09 5.57
C LEU A 195 -3.58 0.20 4.87
N PRO A 196 -3.96 1.49 4.76
CA PRO A 196 -5.23 1.73 4.09
C PRO A 196 -5.24 1.05 2.72
N GLN A 197 -4.13 1.19 2.00
CA GLN A 197 -3.94 0.57 0.70
C GLN A 197 -4.03 -0.94 0.83
N LEU A 198 -3.24 -1.52 1.73
CA LEU A 198 -3.13 -2.96 1.90
C LEU A 198 -4.40 -3.65 2.41
N LEU A 199 -5.35 -2.86 2.87
CA LEU A 199 -6.61 -3.37 3.39
C LEU A 199 -7.73 -3.05 2.44
N SER A 200 -7.46 -2.19 1.47
CA SER A 200 -8.50 -1.80 0.54
C SER A 200 -9.09 -3.02 -0.15
N ARG A 201 -8.27 -4.05 -0.34
CA ARG A 201 -8.71 -5.23 -1.07
C ARG A 201 -9.81 -5.99 -0.35
N PHE A 202 -9.83 -5.93 0.99
CA PHE A 202 -10.86 -6.64 1.76
C PHE A 202 -12.24 -6.01 1.62
N ASN A 203 -13.29 -6.83 1.64
CA ASN A 203 -14.65 -6.32 1.66
C ASN A 203 -15.21 -6.35 3.07
N PHE A 204 -15.31 -5.17 3.68
CA PHE A 204 -15.63 -5.07 5.09
C PHE A 204 -17.11 -4.94 5.40
N ILE A 205 -17.50 -5.56 6.50
CA ILE A 205 -18.87 -5.54 6.98
C ILE A 205 -18.91 -4.89 8.35
N TYR A 206 -19.78 -3.89 8.49
CA TYR A 206 -19.83 -3.09 9.72
C TYR A 206 -21.04 -3.52 10.57
N ASN A 207 -20.78 -4.36 11.58
CA ASN A 207 -21.85 -4.86 12.45
C ASN A 207 -22.13 -3.97 13.66
N GLY B 1 15.61 -38.83 9.84
CA GLY B 1 14.39 -39.35 10.43
C GLY B 1 13.14 -38.95 9.66
N ASN B 2 12.00 -39.49 10.08
CA ASN B 2 10.75 -39.28 9.36
C ASN B 2 10.19 -37.87 9.52
N LYS B 3 9.95 -37.22 8.38
CA LYS B 3 9.27 -35.93 8.35
C LYS B 3 7.77 -36.13 8.20
N TYR B 4 6.98 -35.29 8.88
CA TYR B 4 5.54 -35.29 8.68
C TYR B 4 5.25 -34.45 7.43
N ILE B 5 4.13 -34.71 6.77
CA ILE B 5 3.80 -33.97 5.54
C ILE B 5 3.24 -32.59 5.84
N GLN B 6 3.86 -31.56 5.28
CA GLN B 6 3.41 -30.18 5.48
C GLN B 6 1.93 -30.05 5.13
N GLN B 7 1.16 -29.51 6.06
CA GLN B 7 -0.25 -29.30 5.80
C GLN B 7 -0.45 -28.25 4.73
N THR B 8 -1.65 -28.21 4.17
CA THR B 8 -1.98 -27.22 3.15
C THR B 8 -2.19 -25.88 3.82
N LYS B 9 -1.75 -24.81 3.17
CA LYS B 9 -1.99 -23.46 3.67
C LYS B 9 -3.09 -22.76 2.87
N PRO B 10 -4.05 -22.15 3.59
CA PRO B 10 -5.13 -21.39 2.94
C PRO B 10 -4.57 -20.33 2.00
N LEU B 11 -5.14 -20.22 0.80
CA LEU B 11 -4.64 -19.33 -0.23
C LEU B 11 -4.62 -17.89 0.24
N THR B 12 -5.47 -17.60 1.21
CA THR B 12 -5.60 -16.27 1.80
C THR B 12 -4.38 -15.96 2.65
N LEU B 13 -3.63 -17.00 2.99
CA LEU B 13 -2.50 -16.87 3.88
C LEU B 13 -1.19 -16.90 3.11
N GLU B 14 -1.12 -17.71 2.06
CA GLU B 14 0.05 -17.70 1.20
C GLU B 14 -0.34 -17.90 -0.25
N ARG B 15 -0.37 -16.80 -0.98
CA ARG B 15 -0.71 -16.80 -2.39
C ARG B 15 0.57 -16.94 -3.20
N THR B 16 0.74 -18.11 -3.82
CA THR B 16 1.94 -18.36 -4.60
C THR B 16 1.70 -18.09 -6.07
N ILE B 17 2.46 -17.16 -6.63
CA ILE B 17 2.25 -16.74 -8.02
C ILE B 17 3.48 -16.95 -8.90
N ASN B 18 3.24 -17.39 -10.14
CA ASN B 18 4.30 -17.72 -11.08
C ASN B 18 4.67 -16.61 -12.05
N LEU B 19 5.93 -16.21 -12.02
CA LEU B 19 6.43 -15.15 -12.88
C LEU B 19 7.40 -15.69 -13.93
N TYR B 20 7.56 -14.94 -15.02
CA TYR B 20 8.43 -15.35 -16.11
C TYR B 20 9.27 -14.18 -16.60
N PRO B 21 10.42 -14.48 -17.22
CA PRO B 21 11.34 -13.44 -17.69
C PRO B 21 10.65 -12.53 -18.67
N LEU B 22 10.83 -11.22 -18.52
CA LEU B 22 10.14 -10.27 -19.37
C LEU B 22 10.35 -10.58 -20.83
N THR B 23 11.49 -11.21 -21.13
CA THR B 23 11.91 -11.44 -22.51
C THR B 23 11.12 -12.56 -23.19
N ASN B 24 10.37 -13.31 -22.40
CA ASN B 24 9.43 -14.31 -22.93
C ASN B 24 8.23 -13.63 -23.56
N TYR B 25 8.11 -12.32 -23.34
CA TYR B 25 6.93 -11.58 -23.75
C TYR B 25 7.28 -10.49 -24.74
N THR B 26 6.50 -10.41 -25.82
CA THR B 26 6.81 -9.48 -26.89
C THR B 26 5.56 -8.84 -27.44
N PHE B 27 5.73 -7.66 -28.03
CA PHE B 27 4.60 -6.90 -28.54
C PHE B 27 4.63 -6.76 -30.05
N GLY B 28 3.45 -6.53 -30.61
CA GLY B 28 3.31 -6.14 -31.99
C GLY B 28 2.40 -4.93 -32.04
N THR B 29 2.57 -4.09 -33.05
CA THR B 29 1.73 -2.91 -33.20
C THR B 29 0.31 -3.27 -33.63
N LYS B 30 -0.62 -2.36 -33.45
CA LYS B 30 -2.01 -2.55 -33.88
C LYS B 30 -2.70 -1.22 -34.19
N GLU B 31 -3.97 -1.31 -34.58
CA GLU B 31 -4.82 -0.14 -34.80
C GLU B 31 -4.86 0.68 -33.51
N PRO B 32 -4.48 1.96 -33.59
CA PRO B 32 -4.42 2.81 -32.39
C PRO B 32 -5.79 3.00 -31.73
N LEU B 33 -5.84 2.94 -30.39
CA LEU B 33 -7.06 3.20 -29.63
C LEU B 33 -7.02 4.54 -28.91
N TYR B 34 -7.92 5.44 -29.27
CA TYR B 34 -8.05 6.70 -28.54
C TYR B 34 -8.88 6.47 -27.28
N GLU B 35 -9.38 7.54 -26.67
CA GLU B 35 -10.13 7.39 -25.44
C GLU B 35 -11.54 7.96 -25.51
N LYS B 36 -12.48 7.23 -24.92
CA LYS B 36 -13.88 7.64 -24.86
C LYS B 36 -13.93 9.14 -24.60
N ASP B 37 -13.11 9.57 -23.65
CA ASP B 37 -12.95 10.98 -23.32
C ASP B 37 -11.68 11.51 -23.96
N SER B 38 -11.63 12.82 -24.20
CA SER B 38 -10.47 13.43 -24.84
C SER B 38 -9.78 14.44 -23.92
N SER B 39 -10.34 15.64 -23.82
CA SER B 39 -9.85 16.65 -22.90
C SER B 39 -10.09 16.21 -21.45
N VAL B 40 -9.62 17.00 -20.50
CA VAL B 40 -9.75 16.65 -19.10
C VAL B 40 -11.20 16.79 -18.62
N ALA B 41 -11.76 17.99 -18.77
CA ALA B 41 -13.12 18.26 -18.32
C ALA B 41 -14.16 17.37 -19.02
N ALA B 42 -13.71 16.66 -20.05
CA ALA B 42 -14.58 15.76 -20.79
C ALA B 42 -15.01 14.58 -19.92
N ARG B 43 -14.02 13.79 -19.50
CA ARG B 43 -14.27 12.56 -18.75
C ARG B 43 -15.18 12.79 -17.57
N PHE B 44 -14.96 13.91 -16.90
CA PHE B 44 -15.77 14.28 -15.75
C PHE B 44 -17.19 14.64 -16.19
N GLN B 45 -17.29 15.46 -17.24
CA GLN B 45 -18.59 15.78 -17.81
C GLN B 45 -19.32 14.48 -18.15
N ARG B 46 -18.64 13.59 -18.88
CA ARG B 46 -19.21 12.30 -19.19
C ARG B 46 -19.50 11.55 -17.92
N MET B 47 -18.54 11.58 -17.00
CA MET B 47 -18.72 10.93 -15.70
C MET B 47 -20.03 11.40 -15.06
N ARG B 48 -20.07 12.68 -14.68
CA ARG B 48 -21.28 13.28 -14.13
C ARG B 48 -22.49 12.76 -14.86
N GLU B 49 -22.56 13.05 -16.16
CA GLU B 49 -23.64 12.61 -17.02
C GLU B 49 -23.94 11.13 -16.80
N GLU B 50 -22.99 10.28 -17.18
CA GLU B 50 -23.19 8.84 -17.14
C GLU B 50 -23.79 8.42 -15.80
N PHE B 51 -23.14 8.84 -14.73
CA PHE B 51 -23.58 8.48 -13.37
C PHE B 51 -25.08 8.72 -13.17
N ASP B 52 -25.57 9.82 -13.72
CA ASP B 52 -26.94 10.24 -13.49
C ASP B 52 -27.97 9.21 -13.94
N LYS B 53 -27.65 8.50 -15.02
CA LYS B 53 -28.55 7.47 -15.53
C LYS B 53 -28.02 6.06 -15.28
N ILE B 54 -26.69 5.92 -15.27
CA ILE B 54 -26.06 4.62 -15.07
C ILE B 54 -25.85 4.33 -13.59
N GLY B 55 -25.70 5.39 -12.81
CA GLY B 55 -25.29 5.25 -11.42
C GLY B 55 -23.78 5.24 -11.38
N MET B 56 -23.23 4.70 -10.29
CA MET B 56 -21.79 4.69 -10.10
C MET B 56 -21.06 4.08 -11.27
N ARG B 57 -19.91 4.64 -11.62
CA ARG B 57 -19.04 4.08 -12.64
C ARG B 57 -18.10 3.02 -12.06
N ARG B 58 -18.20 1.81 -12.58
CA ARG B 58 -17.35 0.73 -12.12
C ARG B 58 -16.18 0.56 -13.07
N THR B 59 -14.98 0.77 -12.56
CA THR B 59 -13.76 0.66 -13.35
C THR B 59 -12.91 -0.47 -12.83
N VAL B 60 -12.20 -1.12 -13.73
CA VAL B 60 -11.23 -2.15 -13.34
C VAL B 60 -9.93 -1.96 -14.09
N GLU B 61 -8.86 -2.53 -13.55
CA GLU B 61 -7.57 -2.51 -14.22
C GLU B 61 -6.85 -3.82 -13.91
N GLY B 62 -6.02 -4.27 -14.85
CA GLY B 62 -5.31 -5.53 -14.68
C GLY B 62 -3.84 -5.30 -14.45
N VAL B 63 -3.25 -6.09 -13.55
CA VAL B 63 -1.87 -5.89 -13.14
C VAL B 63 -0.98 -7.02 -13.62
N LEU B 64 -0.57 -6.96 -14.89
CA LEU B 64 0.24 -8.02 -15.48
C LEU B 64 1.67 -7.85 -15.07
N ILE B 65 2.21 -8.87 -14.41
CA ILE B 65 3.54 -8.76 -13.88
C ILE B 65 4.49 -9.70 -14.56
N VAL B 66 5.70 -9.22 -14.77
CA VAL B 66 6.77 -10.02 -15.35
C VAL B 66 7.94 -9.92 -14.39
N HIS B 67 8.98 -10.72 -14.64
CA HIS B 67 10.11 -10.69 -13.74
C HIS B 67 11.43 -10.66 -14.50
N GLU B 68 12.32 -9.81 -14.04
CA GLU B 68 13.69 -9.78 -14.55
C GLU B 68 14.63 -9.42 -13.43
N HIS B 69 15.73 -10.14 -13.34
CA HIS B 69 16.70 -9.95 -12.26
C HIS B 69 16.02 -10.03 -10.92
N ARG B 70 15.16 -11.03 -10.73
CA ARG B 70 14.57 -11.30 -9.43
C ARG B 70 13.75 -10.12 -8.93
N LEU B 71 13.23 -9.34 -9.88
CA LEU B 71 12.47 -8.15 -9.52
C LEU B 71 11.19 -8.07 -10.35
N PRO B 72 10.05 -8.21 -9.67
CA PRO B 72 8.76 -8.12 -10.35
C PRO B 72 8.61 -6.82 -11.13
N HIS B 73 8.15 -6.93 -12.37
CA HIS B 73 7.87 -5.77 -13.18
C HIS B 73 6.42 -5.75 -13.59
N VAL B 74 5.88 -4.54 -13.64
CA VAL B 74 4.49 -4.37 -13.93
C VAL B 74 4.44 -3.80 -15.33
N LEU B 75 3.51 -4.30 -16.13
CA LEU B 75 3.38 -3.78 -17.49
C LEU B 75 2.43 -2.61 -17.50
N LEU B 76 2.96 -1.44 -17.85
CA LEU B 76 2.16 -0.23 -17.93
C LEU B 76 2.04 0.24 -19.37
N LEU B 77 1.13 1.17 -19.61
CA LEU B 77 0.95 1.73 -20.93
C LEU B 77 1.33 3.20 -20.94
N GLN B 78 2.23 3.57 -21.83
CA GLN B 78 2.70 4.95 -21.92
C GLN B 78 2.33 5.58 -23.26
N LEU B 79 2.36 6.91 -23.33
CA LEU B 79 2.25 7.60 -24.61
C LEU B 79 3.27 8.72 -24.62
N GLY B 80 2.83 9.92 -24.24
CA GLY B 80 3.76 10.97 -23.93
C GLY B 80 4.63 10.40 -22.86
N THR B 81 5.88 10.82 -22.81
CA THR B 81 6.86 10.22 -21.90
C THR B 81 6.54 10.41 -20.42
N THR B 82 5.32 10.83 -20.10
CA THR B 82 4.97 11.10 -18.71
C THR B 82 3.65 10.47 -18.22
N PHE B 83 2.95 9.77 -19.10
CA PHE B 83 1.68 9.17 -18.69
C PHE B 83 1.67 7.64 -18.85
N PHE B 84 1.36 6.96 -17.75
CA PHE B 84 1.33 5.49 -17.71
C PHE B 84 0.02 5.02 -17.08
N LYS B 85 -0.77 4.27 -17.83
CA LYS B 85 -2.00 3.73 -17.27
C LYS B 85 -1.98 2.21 -17.28
N LEU B 86 -2.66 1.61 -16.31
CA LEU B 86 -2.84 0.17 -16.31
C LEU B 86 -3.81 -0.19 -17.39
N PRO B 87 -3.72 -1.41 -17.89
CA PRO B 87 -4.69 -1.93 -18.85
C PRO B 87 -6.02 -2.17 -18.15
N GLY B 88 -7.11 -1.82 -18.81
CA GLY B 88 -8.44 -1.97 -18.25
C GLY B 88 -9.33 -0.83 -18.71
N GLY B 89 -10.48 -0.68 -18.05
CA GLY B 89 -11.40 0.40 -18.38
C GLY B 89 -12.69 0.36 -17.57
N GLU B 90 -13.70 1.08 -18.06
CA GLU B 90 -15.00 1.10 -17.41
C GLU B 90 -15.76 -0.16 -17.78
N LEU B 91 -16.63 -0.60 -16.87
CA LEU B 91 -17.49 -1.73 -17.14
C LEU B 91 -18.78 -1.27 -17.76
N ASN B 92 -19.45 -2.18 -18.43
CA ASN B 92 -20.80 -1.92 -18.89
C ASN B 92 -21.75 -2.33 -17.78
N PRO B 93 -22.73 -1.45 -17.49
CA PRO B 93 -23.72 -1.67 -16.45
C PRO B 93 -24.13 -3.14 -16.37
N GLY B 94 -24.04 -3.71 -15.17
CA GLY B 94 -24.43 -5.10 -14.95
C GLY B 94 -23.35 -6.11 -15.26
N GLU B 95 -22.26 -5.67 -15.88
CA GLU B 95 -21.19 -6.57 -16.32
C GLU B 95 -20.45 -7.25 -15.17
N ASP B 96 -20.09 -8.51 -15.37
CA ASP B 96 -19.29 -9.22 -14.38
C ASP B 96 -17.89 -8.62 -14.32
N GLU B 97 -17.38 -8.44 -13.09
CA GLU B 97 -16.05 -7.86 -12.87
C GLU B 97 -14.97 -8.56 -13.70
N VAL B 98 -14.75 -9.84 -13.42
CA VAL B 98 -13.66 -10.59 -14.03
C VAL B 98 -13.84 -10.78 -15.53
N GLU B 99 -14.95 -11.38 -15.94
CA GLU B 99 -15.23 -11.49 -17.37
C GLU B 99 -15.02 -10.11 -17.96
N GLY B 100 -15.66 -9.12 -17.34
CA GLY B 100 -15.54 -7.75 -17.78
C GLY B 100 -14.11 -7.39 -18.10
N LEU B 101 -13.22 -7.58 -17.14
CA LEU B 101 -11.83 -7.21 -17.35
C LEU B 101 -11.29 -7.92 -18.58
N LYS B 102 -11.41 -9.25 -18.60
CA LYS B 102 -10.96 -10.08 -19.71
C LYS B 102 -11.30 -9.42 -21.06
N ARG B 103 -12.58 -9.17 -21.25
CA ARG B 103 -13.06 -8.41 -22.40
C ARG B 103 -12.17 -7.20 -22.71
N LEU B 104 -12.13 -6.23 -21.81
CA LEU B 104 -11.37 -4.99 -22.00
C LEU B 104 -9.88 -5.20 -22.31
N MET B 105 -9.29 -6.16 -21.62
CA MET B 105 -7.90 -6.52 -21.86
C MET B 105 -7.70 -6.97 -23.28
N THR B 106 -8.31 -8.11 -23.63
CA THR B 106 -8.21 -8.61 -24.99
C THR B 106 -8.54 -7.52 -25.98
N GLU B 107 -9.57 -6.74 -25.67
CA GLU B 107 -9.93 -5.59 -26.48
C GLU B 107 -8.73 -4.68 -26.74
N ILE B 108 -7.89 -4.53 -25.73
CA ILE B 108 -6.84 -3.54 -25.76
C ILE B 108 -5.47 -4.18 -26.02
N LEU B 109 -5.38 -5.48 -25.78
CA LEU B 109 -4.16 -6.28 -26.01
C LEU B 109 -4.53 -7.66 -26.56
N GLY B 110 -4.85 -7.74 -27.85
CA GLY B 110 -5.39 -8.96 -28.41
C GLY B 110 -4.42 -9.99 -28.97
N ARG B 111 -4.89 -11.23 -29.11
CA ARG B 111 -4.16 -12.27 -29.82
C ARG B 111 -5.02 -12.84 -30.95
N GLN B 112 -5.13 -12.08 -32.04
CA GLN B 112 -5.79 -12.56 -33.25
C GLN B 112 -5.40 -14.02 -33.46
N ASP B 113 -4.09 -14.27 -33.50
CA ASP B 113 -3.54 -15.61 -33.66
C ASP B 113 -4.08 -16.58 -32.60
N ASP B 118 -4.98 -16.09 -23.89
CA ASP B 118 -6.08 -16.07 -22.91
C ASP B 118 -5.65 -15.46 -21.57
N TRP B 119 -6.63 -15.14 -20.73
CA TRP B 119 -6.42 -14.43 -19.47
C TRP B 119 -6.78 -15.24 -18.24
N VAL B 120 -5.93 -15.22 -17.22
CA VAL B 120 -6.23 -15.88 -15.96
C VAL B 120 -6.17 -14.91 -14.79
N ILE B 121 -7.25 -14.86 -14.00
CA ILE B 121 -7.41 -13.82 -12.99
C ILE B 121 -8.13 -14.27 -11.73
N ASP B 122 -7.40 -14.60 -10.69
CA ASP B 122 -8.06 -15.09 -9.49
C ASP B 122 -7.79 -14.25 -8.25
N ASP B 123 -7.21 -13.07 -8.44
CA ASP B 123 -6.85 -12.24 -7.29
C ASP B 123 -7.24 -10.78 -7.38
N CYS B 124 -7.88 -10.30 -6.31
CA CYS B 124 -8.16 -8.89 -6.19
C CYS B 124 -7.11 -8.32 -5.26
N ILE B 125 -6.40 -7.31 -5.74
CA ILE B 125 -5.29 -6.77 -4.97
C ILE B 125 -5.64 -5.44 -4.32
N GLY B 126 -6.56 -4.70 -4.94
CA GLY B 126 -6.94 -3.39 -4.43
C GLY B 126 -8.33 -2.88 -4.79
N ASN B 127 -8.64 -1.69 -4.27
CA ASN B 127 -9.90 -0.98 -4.46
C ASN B 127 -9.67 0.48 -4.18
N TRP B 128 -10.12 1.36 -5.07
CA TRP B 128 -10.09 2.80 -4.81
C TRP B 128 -11.40 3.43 -5.25
N TRP B 129 -11.96 4.32 -4.43
CA TRP B 129 -13.22 4.98 -4.74
C TRP B 129 -13.03 6.48 -4.96
N ARG B 130 -13.74 7.05 -5.94
CA ARG B 130 -13.61 8.47 -6.27
C ARG B 130 -14.77 9.27 -5.70
N PRO B 131 -14.53 9.96 -4.57
CA PRO B 131 -15.58 10.54 -3.73
C PRO B 131 -16.44 11.61 -4.41
N ASN B 132 -15.85 12.33 -5.34
CA ASN B 132 -16.58 13.35 -6.09
C ASN B 132 -16.17 13.33 -7.54
N PHE B 133 -16.73 14.23 -8.33
CA PHE B 133 -16.33 14.35 -9.73
C PHE B 133 -15.08 15.20 -9.83
N GLU B 134 -14.13 14.91 -8.94
CA GLU B 134 -12.84 15.58 -8.95
C GLU B 134 -11.77 14.52 -9.14
N PRO B 135 -10.50 14.93 -9.24
CA PRO B 135 -9.39 13.98 -9.36
C PRO B 135 -9.26 12.99 -8.19
N PRO B 136 -9.39 13.47 -6.93
CA PRO B 136 -8.99 12.65 -5.79
C PRO B 136 -9.63 11.28 -5.76
N GLN B 137 -8.80 10.28 -5.48
CA GLN B 137 -9.26 8.93 -5.29
C GLN B 137 -8.61 8.44 -4.01
N TYR B 138 -9.35 7.68 -3.21
CA TYR B 138 -8.83 7.12 -1.98
C TYR B 138 -9.16 5.62 -1.90
N PRO B 139 -8.32 4.83 -1.23
CA PRO B 139 -8.52 3.39 -1.13
C PRO B 139 -9.59 3.00 -0.11
N TYR B 140 -10.47 3.95 0.21
CA TYR B 140 -11.54 3.71 1.17
C TYR B 140 -12.61 4.79 0.98
N ILE B 141 -13.82 4.53 1.45
CA ILE B 141 -14.89 5.52 1.36
C ILE B 141 -15.01 6.33 2.65
N PRO B 142 -14.68 7.62 2.58
CA PRO B 142 -14.73 8.48 3.76
C PRO B 142 -16.13 8.51 4.34
N ALA B 143 -16.20 8.74 5.65
CA ALA B 143 -17.45 8.62 6.40
C ALA B 143 -18.58 9.53 5.94
N HIS B 144 -18.27 10.65 5.32
CA HIS B 144 -19.34 11.57 4.96
C HIS B 144 -19.88 11.28 3.58
N ILE B 145 -19.25 10.32 2.90
CA ILE B 145 -19.66 9.97 1.55
C ILE B 145 -20.48 8.68 1.54
N THR B 146 -21.68 8.77 0.98
CA THR B 146 -22.56 7.62 0.93
C THR B 146 -22.70 7.12 -0.49
N LYS B 147 -22.51 8.00 -1.46
CA LYS B 147 -22.61 7.59 -2.85
C LYS B 147 -21.51 8.17 -3.73
N PRO B 148 -20.47 7.37 -3.92
CA PRO B 148 -19.24 7.72 -4.65
C PRO B 148 -19.43 7.55 -6.14
N LYS B 149 -18.77 8.41 -6.91
CA LYS B 149 -18.91 8.45 -8.36
C LYS B 149 -18.31 7.24 -9.06
N GLU B 150 -17.00 7.03 -8.91
CA GLU B 150 -16.33 5.91 -9.55
C GLU B 150 -15.84 4.87 -8.53
N HIS B 151 -15.72 3.62 -8.96
CA HIS B 151 -15.17 2.57 -8.10
C HIS B 151 -14.16 1.68 -8.83
N LYS B 152 -12.88 2.00 -8.71
CA LYS B 152 -11.85 1.22 -9.37
C LYS B 152 -11.57 -0.07 -8.60
N LYS B 153 -11.35 -1.16 -9.33
CA LYS B 153 -11.00 -2.45 -8.72
C LYS B 153 -9.86 -3.13 -9.50
N LEU B 154 -8.76 -3.43 -8.81
CA LEU B 154 -7.56 -3.93 -9.46
C LEU B 154 -7.34 -5.40 -9.21
N PHE B 155 -6.89 -6.10 -10.24
CA PHE B 155 -6.68 -7.52 -10.14
C PHE B 155 -5.31 -7.93 -10.57
N LEU B 156 -4.85 -9.03 -10.01
CA LEU B 156 -3.63 -9.65 -10.46
C LEU B 156 -3.97 -10.53 -11.66
N VAL B 157 -3.42 -10.18 -12.81
CA VAL B 157 -3.57 -11.03 -13.98
C VAL B 157 -2.39 -11.96 -14.16
N GLN B 158 -2.61 -13.24 -13.92
CA GLN B 158 -1.56 -14.23 -14.11
C GLN B 158 -1.30 -14.33 -15.60
N LEU B 159 -0.04 -14.50 -15.97
CA LEU B 159 0.31 -14.59 -17.38
C LEU B 159 0.74 -15.98 -17.77
N GLN B 160 0.64 -16.29 -19.06
CA GLN B 160 1.14 -17.55 -19.60
C GLN B 160 2.66 -17.47 -19.60
N GLU B 161 3.31 -18.62 -19.75
CA GLU B 161 4.78 -18.64 -19.79
C GLU B 161 5.34 -17.61 -20.76
N LYS B 162 4.66 -17.41 -21.88
CA LYS B 162 5.04 -16.41 -22.87
C LYS B 162 3.85 -16.04 -23.76
N ALA B 163 3.90 -14.89 -24.40
CA ALA B 163 2.79 -14.44 -25.23
C ALA B 163 3.10 -13.24 -26.12
N LEU B 164 2.13 -12.92 -26.98
CA LEU B 164 2.21 -11.75 -27.84
C LEU B 164 1.16 -10.72 -27.41
N PHE B 165 1.49 -9.45 -27.59
CA PHE B 165 0.62 -8.36 -27.18
C PHE B 165 0.47 -7.34 -28.28
N ALA B 166 -0.70 -7.30 -28.92
CA ALA B 166 -0.97 -6.24 -29.87
C ALA B 166 -1.01 -4.92 -29.12
N VAL B 167 -0.48 -3.86 -29.71
CA VAL B 167 -0.35 -2.59 -29.02
C VAL B 167 -0.70 -1.40 -29.91
N PRO B 168 -1.84 -0.76 -29.62
CA PRO B 168 -2.28 0.42 -30.37
C PRO B 168 -1.10 1.36 -30.61
N LYS B 169 -0.87 1.69 -31.88
CA LYS B 169 0.25 2.54 -32.30
C LYS B 169 0.62 3.64 -31.29
N ASN B 170 -0.38 4.30 -30.75
CA ASN B 170 -0.17 5.45 -29.85
C ASN B 170 0.41 5.10 -28.48
N TYR B 171 0.57 3.81 -28.20
CA TYR B 171 1.07 3.35 -26.92
C TYR B 171 2.39 2.61 -26.99
N LYS B 172 3.29 2.91 -26.06
CA LYS B 172 4.47 2.10 -25.83
C LYS B 172 4.23 1.27 -24.56
N LEU B 173 4.44 -0.05 -24.66
CA LEU B 173 4.26 -0.94 -23.51
C LEU B 173 5.54 -1.15 -22.70
N VAL B 174 5.63 -0.44 -21.57
CA VAL B 174 6.79 -0.50 -20.69
C VAL B 174 6.57 -1.50 -19.57
N ALA B 175 7.67 -1.89 -18.95
CA ALA B 175 7.62 -2.85 -17.87
C ALA B 175 8.39 -2.33 -16.66
N ALA B 176 7.71 -1.58 -15.80
CA ALA B 176 8.35 -0.96 -14.64
C ALA B 176 8.73 -1.99 -13.59
N PRO B 177 9.97 -1.92 -13.13
CA PRO B 177 10.44 -2.71 -11.98
C PRO B 177 9.81 -2.09 -10.76
N LEU B 178 9.71 -2.82 -9.66
CA LEU B 178 8.98 -2.28 -8.51
C LEU B 178 9.55 -0.97 -7.98
N PHE B 179 10.82 -0.97 -7.61
CA PHE B 179 11.45 0.22 -7.05
C PHE B 179 11.22 1.49 -7.87
N GLU B 180 10.91 1.32 -9.15
CA GLU B 180 10.70 2.49 -10.00
C GLU B 180 9.41 3.18 -9.60
N LEU B 181 8.45 2.38 -9.12
CA LEU B 181 7.13 2.87 -8.72
C LEU B 181 7.06 3.24 -7.24
N TYR B 182 7.87 2.54 -6.45
CA TYR B 182 7.81 2.71 -5.01
C TYR B 182 8.01 4.16 -4.62
N ASP B 183 7.16 4.64 -3.72
CA ASP B 183 7.22 6.02 -3.23
C ASP B 183 7.22 7.05 -4.36
N ASN B 184 6.78 6.66 -5.53
CA ASN B 184 6.89 7.53 -6.70
C ASN B 184 5.55 7.94 -7.27
N ALA B 185 4.66 8.42 -6.41
CA ALA B 185 3.37 8.89 -6.87
C ALA B 185 3.49 10.10 -7.81
N PRO B 186 4.45 11.01 -7.55
CA PRO B 186 4.61 12.15 -8.47
C PRO B 186 4.96 11.68 -9.88
N GLY B 187 5.31 10.41 -10.01
CA GLY B 187 5.60 9.83 -11.31
C GLY B 187 4.52 8.93 -11.90
N TYR B 188 3.77 8.24 -11.05
CA TYR B 188 2.88 7.17 -11.54
C TYR B 188 1.50 7.12 -10.88
N GLY B 189 1.12 8.21 -10.23
CA GLY B 189 -0.15 8.24 -9.54
C GLY B 189 -0.06 7.49 -8.22
N PRO B 190 -1.10 7.61 -7.38
CA PRO B 190 -1.13 7.00 -6.06
C PRO B 190 -1.50 5.53 -6.13
N ILE B 191 -2.34 5.14 -7.09
CA ILE B 191 -2.63 3.74 -7.33
C ILE B 191 -1.35 3.02 -7.70
N ILE B 192 -0.93 3.23 -8.93
CA ILE B 192 0.25 2.55 -9.46
C ILE B 192 1.42 2.47 -8.49
N SER B 193 1.78 3.61 -7.90
CA SER B 193 2.98 3.68 -7.09
C SER B 193 2.85 2.85 -5.82
N SER B 194 1.63 2.49 -5.44
CA SER B 194 1.46 1.67 -4.24
C SER B 194 1.27 0.20 -4.61
N LEU B 195 1.57 -0.13 -5.85
CA LEU B 195 1.53 -1.51 -6.28
C LEU B 195 2.60 -2.39 -5.63
N PRO B 196 3.78 -1.83 -5.35
CA PRO B 196 4.77 -2.66 -4.66
C PRO B 196 4.22 -3.26 -3.37
N GLN B 197 3.84 -2.41 -2.43
CA GLN B 197 3.22 -2.83 -1.19
C GLN B 197 2.07 -3.78 -1.47
N LEU B 198 1.20 -3.39 -2.40
CA LEU B 198 0.05 -4.21 -2.73
C LEU B 198 0.45 -5.57 -3.23
N LEU B 199 1.68 -5.69 -3.70
CA LEU B 199 2.15 -6.94 -4.28
C LEU B 199 3.03 -7.72 -3.31
N SER B 200 3.53 -7.04 -2.29
CA SER B 200 4.47 -7.65 -1.37
C SER B 200 3.99 -8.99 -0.79
N ARG B 201 2.68 -9.14 -0.60
CA ARG B 201 2.12 -10.32 0.07
C ARG B 201 2.24 -11.62 -0.75
N PHE B 202 2.44 -11.49 -2.06
CA PHE B 202 2.47 -12.65 -2.95
C PHE B 202 3.80 -13.34 -2.97
N ASN B 203 3.77 -14.66 -2.81
CA ASN B 203 4.98 -15.46 -2.88
C ASN B 203 5.33 -15.78 -4.33
N PHE B 204 6.08 -14.87 -4.95
CA PHE B 204 6.42 -14.99 -6.37
C PHE B 204 7.47 -16.04 -6.66
N ILE B 205 7.37 -16.64 -7.85
CA ILE B 205 8.37 -17.59 -8.34
C ILE B 205 8.96 -17.03 -9.62
N TYR B 206 10.29 -17.07 -9.74
CA TYR B 206 10.97 -16.48 -10.90
C TYR B 206 11.48 -17.52 -11.89
N ASN B 207 10.57 -18.01 -12.73
CA ASN B 207 10.91 -19.07 -13.67
C ASN B 207 11.85 -18.61 -14.77
N ILE C 69 -26.84 32.28 -3.97
CA ILE C 69 -27.92 32.05 -3.03
C ILE C 69 -27.55 30.96 -2.02
N ALA C 70 -26.29 30.96 -1.59
CA ALA C 70 -25.77 29.82 -0.85
C ALA C 70 -25.34 30.15 0.58
N LEU C 71 -25.24 29.10 1.40
CA LEU C 71 -24.85 29.23 2.79
C LEU C 71 -23.66 28.34 3.10
N TYR C 72 -23.22 28.41 4.34
CA TYR C 72 -22.27 27.46 4.89
C TYR C 72 -22.96 26.75 6.06
N ILE C 73 -22.54 25.52 6.31
CA ILE C 73 -23.08 24.75 7.42
C ILE C 73 -21.94 24.00 8.14
N GLY C 74 -21.71 24.33 9.41
CA GLY C 74 -20.57 23.81 10.14
C GLY C 74 -20.91 23.24 11.51
N ASN C 75 -19.86 23.01 12.31
CA ASN C 75 -19.96 22.23 13.55
C ASN C 75 -20.52 20.85 13.24
N LEU C 76 -20.22 20.39 12.03
CA LEU C 76 -20.61 19.05 11.62
C LEU C 76 -19.47 18.10 11.89
N THR C 77 -19.82 16.87 12.26
CA THR C 77 -18.84 15.83 12.49
C THR C 77 -18.23 15.47 11.15
N TRP C 78 -17.12 14.74 11.16
CA TRP C 78 -16.53 14.30 9.90
C TRP C 78 -17.27 13.09 9.32
N TRP C 79 -18.21 12.55 10.10
CA TRP C 79 -18.99 11.40 9.66
C TRP C 79 -20.42 11.76 9.32
N THR C 80 -20.67 13.05 9.15
CA THR C 80 -21.98 13.49 8.70
C THR C 80 -22.05 13.32 7.20
N THR C 81 -22.72 12.27 6.77
CA THR C 81 -22.88 11.99 5.36
C THR C 81 -23.56 13.16 4.69
N ASP C 82 -23.69 13.09 3.37
CA ASP C 82 -24.46 14.07 2.63
C ASP C 82 -25.93 13.71 2.74
N GLU C 83 -26.17 12.43 2.97
CA GLU C 83 -27.53 11.90 3.05
C GLU C 83 -28.22 12.37 4.32
N ASP C 84 -27.66 12.01 5.47
CA ASP C 84 -28.23 12.44 6.74
C ASP C 84 -28.32 13.96 6.83
N LEU C 85 -27.33 14.66 6.28
CA LEU C 85 -27.39 16.11 6.23
C LEU C 85 -28.62 16.58 5.48
N THR C 86 -28.95 15.92 4.38
CA THR C 86 -30.14 16.30 3.62
C THR C 86 -31.41 15.84 4.34
N GLU C 87 -31.31 14.70 5.02
CA GLU C 87 -32.44 14.20 5.81
C GLU C 87 -32.97 15.27 6.75
N ALA C 88 -32.07 16.09 7.30
CA ALA C 88 -32.47 17.12 8.24
C ALA C 88 -33.12 18.30 7.54
N VAL C 89 -32.63 18.62 6.35
CA VAL C 89 -33.09 19.80 5.63
C VAL C 89 -34.55 19.72 5.15
N HIS C 90 -34.89 18.67 4.42
CA HIS C 90 -36.28 18.48 4.03
C HIS C 90 -37.16 18.49 5.27
N SER C 91 -36.57 18.13 6.40
CA SER C 91 -37.30 18.10 7.67
C SER C 91 -37.35 19.47 8.32
N LEU C 92 -37.33 20.49 7.47
CA LEU C 92 -37.49 21.86 7.92
C LEU C 92 -38.51 22.55 7.02
N GLY C 93 -38.90 21.87 5.94
CA GLY C 93 -39.88 22.40 5.02
C GLY C 93 -39.24 22.78 3.71
N VAL C 94 -37.92 22.76 3.68
CA VAL C 94 -37.16 23.15 2.50
C VAL C 94 -37.00 21.98 1.54
N ASN C 95 -37.57 22.11 0.34
CA ASN C 95 -37.48 21.06 -0.66
C ASN C 95 -36.87 21.54 -1.97
N ASP C 96 -35.88 22.42 -1.88
CA ASP C 96 -35.20 22.93 -3.06
C ASP C 96 -33.68 23.04 -2.84
N ILE C 97 -33.07 21.89 -2.57
CA ILE C 97 -31.64 21.82 -2.26
C ILE C 97 -30.80 21.95 -3.52
N LEU C 98 -29.58 22.47 -3.37
CA LEU C 98 -28.65 22.63 -4.48
C LEU C 98 -27.21 22.27 -4.09
N GLU C 99 -26.59 21.41 -4.89
CA GLU C 99 -25.15 21.13 -4.76
C GLU C 99 -24.77 20.29 -3.55
N ILE C 100 -25.00 20.83 -2.35
CA ILE C 100 -24.53 20.23 -1.10
C ILE C 100 -23.06 19.80 -1.18
N LYS C 101 -22.20 20.74 -1.56
CA LYS C 101 -20.79 20.45 -1.80
C LYS C 101 -19.93 20.51 -0.53
N PHE C 102 -19.48 19.35 -0.07
CA PHE C 102 -18.66 19.26 1.12
C PHE C 102 -17.24 19.71 0.90
N PHE C 103 -16.66 20.33 1.92
CA PHE C 103 -15.25 20.67 1.92
C PHE C 103 -14.52 19.58 2.67
N GLU C 104 -13.32 19.23 2.21
CA GLU C 104 -12.65 18.06 2.74
C GLU C 104 -11.16 18.04 2.42
N ASN C 105 -10.36 17.48 3.33
CA ASN C 105 -8.92 17.40 3.11
C ASN C 105 -8.64 16.65 1.83
N ARG C 106 -7.76 17.21 1.01
CA ARG C 106 -7.50 16.63 -0.30
C ARG C 106 -6.48 15.51 -0.18
N ALA C 107 -5.79 15.45 0.95
CA ALA C 107 -4.80 14.41 1.16
C ALA C 107 -5.46 13.10 1.57
N ASN C 108 -6.36 13.16 2.55
CA ASN C 108 -6.99 11.96 3.05
C ASN C 108 -8.48 11.90 2.75
N GLY C 109 -9.02 12.98 2.20
CA GLY C 109 -10.42 13.03 1.80
C GLY C 109 -11.39 13.17 2.95
N GLN C 110 -10.86 13.46 4.15
CA GLN C 110 -11.69 13.59 5.33
C GLN C 110 -12.55 14.83 5.25
N SER C 111 -13.83 14.69 5.60
CA SER C 111 -14.72 15.84 5.67
C SER C 111 -14.12 16.92 6.56
N LYS C 112 -14.37 18.17 6.19
CA LYS C 112 -13.78 19.31 6.89
C LYS C 112 -14.76 19.92 7.87
N GLY C 113 -15.79 19.17 8.21
CA GLY C 113 -16.76 19.62 9.21
C GLY C 113 -17.82 20.53 8.62
N PHE C 114 -17.52 21.16 7.49
CA PHE C 114 -18.47 22.06 6.85
C PHE C 114 -18.65 21.79 5.37
N ALA C 115 -19.73 22.35 4.82
CA ALA C 115 -20.13 22.08 3.46
C ALA C 115 -20.85 23.28 2.89
N LEU C 116 -20.40 23.74 1.73
CA LEU C 116 -21.14 24.75 1.00
C LEU C 116 -22.49 24.14 0.68
N VAL C 117 -23.48 25.00 0.52
CA VAL C 117 -24.82 24.55 0.15
C VAL C 117 -25.67 25.69 -0.38
N GLY C 118 -26.22 25.50 -1.57
CA GLY C 118 -27.07 26.52 -2.19
C GLY C 118 -28.53 26.15 -2.13
N VAL C 119 -29.39 27.13 -2.41
CA VAL C 119 -30.82 26.92 -2.28
C VAL C 119 -31.59 27.80 -3.28
N GLY C 120 -32.54 27.20 -3.99
CA GLY C 120 -33.37 27.93 -4.92
C GLY C 120 -34.25 28.96 -4.24
N SER C 121 -35.19 28.49 -3.44
CA SER C 121 -35.92 29.36 -2.52
C SER C 121 -34.89 30.16 -1.74
N GLU C 122 -35.20 31.41 -1.45
CA GLU C 122 -34.20 32.29 -0.86
C GLU C 122 -34.68 32.83 0.47
N ALA C 123 -35.81 32.30 0.93
CA ALA C 123 -36.34 32.60 2.26
C ALA C 123 -36.15 31.38 3.16
N SER C 124 -36.16 30.20 2.53
CA SER C 124 -35.84 28.96 3.22
C SER C 124 -34.46 29.06 3.83
N SER C 125 -33.60 29.84 3.17
CA SER C 125 -32.29 30.19 3.73
C SER C 125 -32.44 30.67 5.17
N LYS C 126 -33.27 31.69 5.37
CA LYS C 126 -33.60 32.14 6.71
C LYS C 126 -33.98 30.93 7.55
N LYS C 127 -34.92 30.13 7.05
CA LYS C 127 -35.36 28.92 7.76
C LYS C 127 -34.18 28.20 8.38
N LEU C 128 -33.23 27.79 7.54
CA LEU C 128 -32.03 27.11 8.01
C LEU C 128 -31.37 27.91 9.11
N MET C 129 -30.94 29.12 8.75
CA MET C 129 -30.31 30.05 9.67
C MET C 129 -30.92 29.99 11.05
N ASP C 130 -32.25 30.09 11.09
CA ASP C 130 -32.98 30.22 12.35
C ASP C 130 -33.20 28.87 12.99
N LEU C 131 -33.58 27.88 12.18
CA LEU C 131 -34.09 26.62 12.68
C LEU C 131 -33.03 25.51 12.78
N LEU C 132 -32.07 25.49 11.86
CA LEU C 132 -31.07 24.43 11.84
C LEU C 132 -30.22 24.41 13.12
N PRO C 133 -29.63 25.54 13.48
CA PRO C 133 -29.07 25.49 14.84
C PRO C 133 -30.24 25.20 15.76
N LYS C 134 -29.96 24.66 16.95
CA LYS C 134 -31.03 24.18 17.84
C LYS C 134 -31.69 22.93 17.27
N ARG C 135 -31.02 22.31 16.30
CA ARG C 135 -31.30 20.94 15.89
C ARG C 135 -30.00 20.17 16.07
N GLU C 136 -30.09 18.85 16.24
CA GLU C 136 -28.89 18.06 16.43
C GLU C 136 -28.62 17.01 15.37
N LEU C 137 -27.60 17.26 14.55
CA LEU C 137 -27.05 16.23 13.69
C LEU C 137 -25.88 15.57 14.41
N HIS C 138 -26.04 14.29 14.72
CA HIS C 138 -25.04 13.56 15.49
C HIS C 138 -24.62 14.33 16.73
N GLY C 139 -25.61 14.69 17.55
CA GLY C 139 -25.36 15.33 18.81
C GLY C 139 -24.49 16.58 18.70
N GLN C 140 -24.61 17.28 17.58
CA GLN C 140 -23.97 18.58 17.43
C GLN C 140 -24.89 19.56 16.72
N ASN C 141 -24.92 20.78 17.22
CA ASN C 141 -25.79 21.80 16.66
C ASN C 141 -25.11 22.44 15.44
N PRO C 142 -25.79 22.39 14.29
CA PRO C 142 -25.17 22.95 13.10
C PRO C 142 -24.98 24.45 13.24
N VAL C 143 -24.40 25.06 12.21
CA VAL C 143 -24.17 26.49 12.21
C VAL C 143 -24.44 27.05 10.83
N VAL C 144 -25.71 27.32 10.55
CA VAL C 144 -26.08 27.92 9.29
C VAL C 144 -25.59 29.36 9.22
N THR C 145 -24.80 29.67 8.21
CA THR C 145 -24.33 31.04 7.99
C THR C 145 -24.37 31.36 6.51
N PRO C 146 -24.44 32.67 6.18
CA PRO C 146 -24.31 33.06 4.78
C PRO C 146 -22.91 32.73 4.28
N VAL C 147 -22.72 32.75 2.97
CA VAL C 147 -21.40 32.52 2.41
C VAL C 147 -20.52 33.75 2.62
N ASN C 148 -19.25 33.52 2.94
CA ASN C 148 -18.33 34.61 3.26
C ASN C 148 -16.89 34.13 3.44
N LYS C 149 -15.94 34.84 2.84
CA LYS C 149 -14.54 34.44 2.95
C LYS C 149 -14.01 34.64 4.37
N GLN C 150 -14.82 35.23 5.25
CA GLN C 150 -14.44 35.37 6.65
C GLN C 150 -14.93 34.16 7.44
N PHE C 151 -16.03 33.57 6.97
CA PHE C 151 -16.48 32.29 7.50
C PHE C 151 -15.52 31.21 7.06
N LEU C 152 -15.14 31.24 5.79
CA LEU C 152 -14.06 30.39 5.31
C LEU C 152 -12.92 30.43 6.31
N SER C 153 -12.32 31.61 6.46
CA SER C 153 -11.21 31.80 7.38
C SER C 153 -11.53 31.26 8.77
N GLN C 154 -12.82 31.15 9.05
CA GLN C 154 -13.31 30.74 10.37
C GLN C 154 -13.33 29.22 10.49
N PHE C 155 -14.10 28.57 9.63
CA PHE C 155 -14.18 27.11 9.61
C PHE C 155 -12.80 26.49 9.44
N GLU C 156 -12.05 26.97 8.46
CA GLU C 156 -10.71 26.48 8.19
C GLU C 156 -9.84 26.44 9.45
N MET C 157 -9.90 27.52 10.23
CA MET C 157 -9.13 27.59 11.46
C MET C 157 -9.61 26.53 12.44
N GLN C 158 -10.86 26.13 12.31
CA GLN C 158 -11.42 25.11 13.18
C GLN C 158 -10.91 23.70 12.84
N SER C 159 -10.79 23.41 11.54
CA SER C 159 -10.33 22.09 11.07
C SER C 159 -9.08 21.61 11.81
N ARG C 160 -8.18 22.53 12.10
CA ARG C 160 -7.03 22.26 12.96
C ARG C 160 -7.54 22.02 14.39
N LYS C 161 -7.97 20.78 14.64
CA LYS C 161 -8.54 20.40 15.93
C LYS C 161 -8.06 19.02 16.35
N ILE D 69 41.30 -1.96 6.50
CA ILE D 69 41.56 -2.01 5.06
C ILE D 69 40.26 -2.03 4.27
N ALA D 70 40.10 -1.15 3.30
CA ALA D 70 38.83 -1.03 2.58
C ALA D 70 38.97 -0.40 1.18
N LEU D 71 37.91 -0.52 0.38
CA LEU D 71 37.94 -0.05 -1.00
C LEU D 71 36.60 0.47 -1.50
N TYR D 72 36.57 0.81 -2.78
CA TYR D 72 35.34 1.19 -3.48
C TYR D 72 35.25 0.46 -4.80
N ILE D 73 34.16 -0.28 -4.99
CA ILE D 73 33.90 -0.91 -6.27
C ILE D 73 32.74 -0.25 -6.94
N GLY D 74 32.78 -0.15 -8.26
CA GLY D 74 31.78 0.59 -8.98
C GLY D 74 31.69 0.19 -10.43
N ASN D 75 30.79 0.86 -11.15
CA ASN D 75 30.47 0.54 -12.54
C ASN D 75 29.93 -0.87 -12.70
N LEU D 76 29.07 -1.28 -11.78
CA LEU D 76 28.40 -2.57 -11.88
C LEU D 76 26.88 -2.39 -11.84
N THR D 77 26.16 -3.29 -12.49
CA THR D 77 24.71 -3.20 -12.58
C THR D 77 24.06 -3.17 -11.20
N TRP D 78 22.83 -2.66 -11.15
CA TRP D 78 22.12 -2.59 -9.89
C TRP D 78 21.63 -3.97 -9.46
N TRP D 79 21.90 -4.98 -10.27
CA TRP D 79 21.60 -6.35 -9.88
C TRP D 79 22.86 -7.13 -9.57
N THR D 80 23.99 -6.44 -9.49
CA THR D 80 25.23 -7.07 -9.09
C THR D 80 25.25 -7.18 -7.57
N THR D 81 25.32 -8.41 -7.07
CA THR D 81 25.01 -8.70 -5.68
C THR D 81 26.22 -9.06 -4.84
N ASP D 82 26.14 -8.77 -3.55
CA ASP D 82 27.21 -9.10 -2.62
C ASP D 82 27.68 -10.53 -2.84
N GLU D 83 26.73 -11.45 -2.92
CA GLU D 83 27.05 -12.86 -3.10
C GLU D 83 27.83 -13.09 -4.38
N ASP D 84 27.21 -12.80 -5.52
CA ASP D 84 27.81 -13.13 -6.81
C ASP D 84 28.99 -12.22 -7.11
N LEU D 85 29.21 -11.23 -6.25
CA LEU D 85 30.42 -10.45 -6.36
C LEU D 85 31.57 -11.18 -5.66
N THR D 86 31.35 -11.59 -4.42
CA THR D 86 32.32 -12.41 -3.70
C THR D 86 32.87 -13.54 -4.57
N GLU D 87 32.03 -14.07 -5.45
CA GLU D 87 32.46 -15.10 -6.39
C GLU D 87 33.54 -14.55 -7.33
N ALA D 88 33.39 -13.29 -7.72
CA ALA D 88 34.34 -12.63 -8.61
C ALA D 88 35.74 -12.60 -8.00
N VAL D 89 35.83 -12.13 -6.77
CA VAL D 89 37.11 -12.06 -6.07
C VAL D 89 37.65 -13.46 -5.78
N HIS D 90 36.73 -14.39 -5.50
CA HIS D 90 37.07 -15.79 -5.30
C HIS D 90 37.67 -16.37 -6.58
N SER D 91 37.34 -15.75 -7.70
CA SER D 91 37.88 -16.14 -8.99
C SER D 91 39.33 -15.65 -9.14
N LEU D 92 39.57 -14.40 -8.72
CA LEU D 92 40.92 -13.89 -8.58
C LEU D 92 41.56 -14.69 -7.46
N GLY D 93 40.72 -15.13 -6.53
CA GLY D 93 41.13 -15.97 -5.43
C GLY D 93 41.63 -15.17 -4.25
N VAL D 94 40.73 -14.49 -3.56
CA VAL D 94 41.13 -13.74 -2.36
C VAL D 94 40.44 -14.24 -1.09
N ASN D 95 39.12 -14.27 -1.09
CA ASN D 95 38.38 -14.82 0.04
C ASN D 95 38.45 -13.95 1.31
N ASP D 96 39.09 -12.79 1.19
CA ASP D 96 39.32 -11.92 2.35
C ASP D 96 38.12 -11.09 2.77
N ILE D 97 37.12 -10.99 1.90
CA ILE D 97 35.96 -10.16 2.18
C ILE D 97 35.51 -10.26 3.63
N LEU D 98 35.64 -9.15 4.36
CA LEU D 98 35.12 -9.08 5.72
C LEU D 98 33.65 -8.74 5.66
N GLU D 99 33.36 -7.62 5.00
CA GLU D 99 31.99 -7.18 4.81
C GLU D 99 31.91 -6.29 3.57
N ILE D 100 30.73 -6.22 2.98
CA ILE D 100 30.50 -5.36 1.83
C ILE D 100 29.27 -4.54 2.15
N LYS D 101 29.25 -3.28 1.72
CA LYS D 101 28.10 -2.42 1.97
C LYS D 101 27.79 -1.58 0.73
N PHE D 102 26.64 -1.84 0.14
CA PHE D 102 26.23 -1.10 -1.05
C PHE D 102 25.67 0.28 -0.72
N PHE D 103 25.86 1.22 -1.64
CA PHE D 103 25.24 2.52 -1.54
C PHE D 103 24.00 2.48 -2.42
N GLU D 104 22.94 3.15 -1.98
CA GLU D 104 21.66 2.96 -2.65
C GLU D 104 20.72 4.12 -2.39
N ASN D 105 19.72 4.26 -3.24
CA ASN D 105 18.74 5.32 -3.07
C ASN D 105 17.89 4.97 -1.86
N ARG D 106 17.86 5.86 -0.87
CA ARG D 106 17.06 5.59 0.30
C ARG D 106 15.61 5.48 -0.14
N ALA D 107 15.21 6.37 -1.05
CA ALA D 107 13.82 6.41 -1.53
C ALA D 107 13.26 5.03 -1.89
N ASN D 108 14.03 4.23 -2.61
CA ASN D 108 13.56 2.93 -3.07
C ASN D 108 14.55 1.79 -2.88
N GLY D 109 15.63 2.05 -2.15
CA GLY D 109 16.60 1.04 -1.82
C GLY D 109 17.35 0.48 -3.02
N GLN D 110 17.14 1.09 -4.18
CA GLN D 110 17.85 0.66 -5.38
C GLN D 110 19.34 0.90 -5.25
N SER D 111 20.15 -0.11 -5.56
CA SER D 111 21.60 0.04 -5.55
C SER D 111 22.02 1.17 -6.48
N LYS D 112 23.06 1.91 -6.10
CA LYS D 112 23.57 2.99 -6.93
C LYS D 112 24.53 2.47 -8.01
N GLY D 113 25.12 1.31 -7.76
CA GLY D 113 26.00 0.68 -8.73
C GLY D 113 27.44 0.68 -8.27
N PHE D 114 27.63 0.76 -6.96
CA PHE D 114 28.97 0.73 -6.39
C PHE D 114 28.92 0.46 -4.88
N ALA D 115 29.86 -0.35 -4.40
CA ALA D 115 29.85 -0.72 -2.99
C ALA D 115 31.16 -0.43 -2.28
N LEU D 116 31.07 -0.05 -1.02
CA LEU D 116 32.25 -0.01 -0.17
C LEU D 116 32.50 -1.43 0.29
N VAL D 117 33.66 -1.97 -0.08
CA VAL D 117 34.03 -3.33 0.31
C VAL D 117 34.98 -3.34 1.52
N GLY D 118 34.90 -4.40 2.31
CA GLY D 118 35.78 -4.55 3.46
C GLY D 118 36.68 -5.76 3.31
N VAL D 119 37.97 -5.58 3.57
CA VAL D 119 38.98 -6.62 3.37
C VAL D 119 39.96 -6.67 4.54
N GLY D 120 40.65 -7.80 4.72
CA GLY D 120 41.58 -7.97 5.83
C GLY D 120 43.04 -8.09 5.46
N SER D 121 43.31 -8.44 4.21
CA SER D 121 44.68 -8.57 3.71
C SER D 121 45.11 -7.37 2.85
N GLU D 122 46.42 -7.20 2.70
CA GLU D 122 46.95 -6.07 1.96
C GLU D 122 47.42 -6.51 0.58
N ALA D 123 47.97 -7.72 0.51
CA ALA D 123 48.52 -8.25 -0.74
C ALA D 123 47.40 -8.48 -1.75
N SER D 124 46.25 -8.89 -1.24
CA SER D 124 45.07 -9.11 -2.06
C SER D 124 44.56 -7.76 -2.57
N SER D 125 44.46 -6.80 -1.66
CA SER D 125 44.10 -5.45 -2.03
C SER D 125 44.79 -5.07 -3.32
N LYS D 126 46.10 -5.36 -3.42
CA LYS D 126 46.82 -5.18 -4.66
C LYS D 126 46.05 -5.82 -5.80
N LYS D 127 45.92 -7.15 -5.73
CA LYS D 127 45.22 -7.93 -6.75
C LYS D 127 43.91 -7.28 -7.20
N LEU D 128 43.11 -6.85 -6.23
CA LEU D 128 41.87 -6.17 -6.54
C LEU D 128 42.15 -4.87 -7.28
N MET D 129 42.99 -4.04 -6.69
CA MET D 129 43.44 -2.81 -7.33
C MET D 129 43.93 -3.13 -8.72
N ASP D 130 44.86 -4.08 -8.77
CA ASP D 130 45.59 -4.40 -9.98
C ASP D 130 44.73 -5.04 -11.07
N LEU D 131 44.05 -6.15 -10.72
CA LEU D 131 43.55 -7.08 -11.73
C LEU D 131 42.04 -7.04 -11.99
N LEU D 132 41.26 -6.83 -10.92
CA LEU D 132 39.81 -6.88 -11.04
C LEU D 132 39.28 -6.04 -12.20
N PRO D 133 39.68 -4.77 -12.27
CA PRO D 133 39.13 -3.85 -13.27
C PRO D 133 39.27 -4.35 -14.69
N LYS D 134 40.09 -5.38 -14.92
CA LYS D 134 40.18 -5.94 -16.26
C LYS D 134 39.42 -7.26 -16.34
N ARG D 135 38.19 -7.23 -15.83
CA ARG D 135 37.29 -8.39 -15.85
C ARG D 135 35.88 -7.87 -16.09
N GLU D 136 34.99 -8.76 -16.54
CA GLU D 136 33.60 -8.38 -16.78
C GLU D 136 32.64 -9.05 -15.79
N LEU D 137 31.91 -8.23 -15.02
CA LEU D 137 30.90 -8.73 -14.10
C LEU D 137 29.63 -9.13 -14.84
N HIS D 138 28.90 -8.14 -15.34
CA HIS D 138 27.73 -8.41 -16.14
C HIS D 138 27.90 -7.73 -17.49
N GLY D 139 29.15 -7.53 -17.87
CA GLY D 139 29.49 -6.79 -19.07
C GLY D 139 30.19 -5.49 -18.69
N GLN D 140 30.52 -5.37 -17.41
CA GLN D 140 31.10 -4.14 -16.84
C GLN D 140 32.51 -4.36 -16.27
N ASN D 141 33.30 -3.29 -16.26
CA ASN D 141 34.63 -3.32 -15.67
C ASN D 141 34.69 -2.62 -14.31
N PRO D 142 34.76 -3.42 -13.24
CA PRO D 142 34.78 -2.98 -11.83
C PRO D 142 35.79 -1.87 -11.57
N VAL D 143 35.35 -0.62 -11.68
CA VAL D 143 36.19 0.53 -11.42
C VAL D 143 36.56 0.59 -9.94
N VAL D 144 37.64 -0.10 -9.57
CA VAL D 144 38.04 -0.18 -8.18
C VAL D 144 39.02 0.90 -7.78
N THR D 145 38.62 1.72 -6.83
CA THR D 145 39.48 2.74 -6.25
C THR D 145 39.48 2.55 -4.75
N PRO D 146 40.47 3.14 -4.06
CA PRO D 146 40.43 3.08 -2.60
C PRO D 146 39.43 4.09 -2.04
N VAL D 147 39.16 3.97 -0.75
CA VAL D 147 38.17 4.80 -0.08
C VAL D 147 38.62 6.26 0.06
N ASN D 148 37.99 7.14 -0.71
CA ASN D 148 38.29 8.58 -0.64
C ASN D 148 37.10 9.45 -1.03
N LYS D 149 36.85 10.48 -0.24
CA LYS D 149 35.69 11.34 -0.40
C LYS D 149 35.66 12.09 -1.73
N GLN D 150 36.73 11.96 -2.50
CA GLN D 150 36.84 12.65 -3.79
C GLN D 150 36.64 11.68 -4.94
N PHE D 151 36.90 10.41 -4.67
CA PHE D 151 36.48 9.33 -5.56
C PHE D 151 34.96 9.26 -5.54
N LEU D 152 34.43 8.93 -4.37
CA LEU D 152 33.00 8.77 -4.13
C LEU D 152 32.09 9.63 -5.01
N SER D 153 32.42 10.93 -5.08
CA SER D 153 31.61 11.88 -5.83
C SER D 153 31.45 11.51 -7.32
N GLN D 154 32.49 10.92 -7.90
CA GLN D 154 32.44 10.52 -9.31
C GLN D 154 31.54 9.29 -9.44
N PHE D 155 31.50 8.50 -8.37
CA PHE D 155 30.71 7.27 -8.35
C PHE D 155 29.22 7.57 -8.33
N GLU D 156 28.85 8.72 -7.74
CA GLU D 156 27.46 9.13 -7.67
C GLU D 156 27.11 10.08 -8.82
N MET D 157 28.11 10.83 -9.27
CA MET D 157 27.98 11.57 -10.52
C MET D 157 27.56 10.55 -11.56
N GLN D 158 28.13 9.35 -11.44
CA GLN D 158 27.76 8.23 -12.29
C GLN D 158 26.25 8.01 -12.29
N SER D 159 25.66 7.91 -11.11
CA SER D 159 24.21 7.76 -10.98
C SER D 159 23.53 8.65 -11.99
N ARG D 160 23.82 9.94 -11.89
CA ARG D 160 23.32 10.91 -12.85
C ARG D 160 23.87 10.63 -14.26
#